data_9F4L
#
_entry.id   9F4L
#
_cell.length_a   38.181
_cell.length_b   43.929
_cell.length_c   55.749
_cell.angle_alpha   90.000
_cell.angle_beta   93.560
_cell.angle_gamma   90.000
#
_symmetry.space_group_name_H-M   'P 1 21 1'
#
loop_
_entity.id
_entity.type
_entity.pdbx_description
1 polymer 'Heterogeneous nuclear ribonucleoprotein A1, N-terminally processed'
2 non-polymer N,N-dimethyl-N~2~-phenylglycinamide
3 water water
#
_entity_poly.entity_id   1
_entity_poly.type   'polypeptide(L)'
_entity_poly.pdbx_seq_one_letter_code
;GPMGSKSESPKEPEQLRKLFIGGLSFETTDESLRSHFEQWGTLTDCVVMRDPNTKRSRGFGFVTYATVEEVDAAMNARPH
KVDGRVVEPKRAVSREDSQRPGAHLTVKKIFVGGIKEDTEEHHLRDYFEQYGKIEVIEIMTDRGSGKKRGFAFVTFDDHD
SVDKIVIQKYHTVNGHNCEVRKALSKQEMASASSSQRG
;
_entity_poly.pdbx_strand_id   A
#
# COMPACT_ATOMS: atom_id res chain seq x y z
N LYS A 11 13.76 6.09 -14.32
CA LYS A 11 13.39 5.08 -13.35
C LYS A 11 12.63 5.72 -12.19
N GLU A 12 11.63 5.00 -11.69
CA GLU A 12 10.91 5.46 -10.51
C GLU A 12 11.89 5.51 -9.33
N PRO A 13 11.69 6.42 -8.38
CA PRO A 13 12.55 6.46 -7.19
C PRO A 13 12.60 5.09 -6.52
N GLU A 14 13.81 4.69 -6.12
CA GLU A 14 14.01 3.36 -5.54
C GLU A 14 13.12 3.12 -4.34
N GLN A 15 12.90 4.15 -3.51
CA GLN A 15 12.08 3.98 -2.32
C GLN A 15 10.69 3.47 -2.64
N LEU A 16 10.15 3.84 -3.80
CA LEU A 16 8.80 3.44 -4.20
C LEU A 16 8.78 2.06 -4.84
N ARG A 17 9.94 1.43 -4.97
CA ARG A 17 10.07 0.12 -5.58
C ARG A 17 10.42 -0.95 -4.56
N LYS A 18 10.43 -0.57 -3.29
CA LYS A 18 10.84 -1.52 -2.23
C LYS A 18 9.65 -2.12 -1.50
N LEU A 19 9.82 -3.36 -1.09
CA LEU A 19 8.81 -3.98 -0.22
C LEU A 19 9.51 -4.47 1.05
N PHE A 20 9.06 -3.97 2.19
N PHE A 20 9.05 -3.98 2.19
CA PHE A 20 9.61 -4.47 3.47
CA PHE A 20 9.61 -4.47 3.48
C PHE A 20 8.85 -5.75 3.77
C PHE A 20 8.86 -5.74 3.81
N ILE A 21 9.58 -6.83 4.04
CA ILE A 21 8.93 -8.13 4.28
C ILE A 21 9.14 -8.52 5.75
N GLY A 22 8.06 -8.46 6.52
CA GLY A 22 8.13 -8.86 7.92
C GLY A 22 7.65 -10.28 8.10
N GLY A 23 7.95 -10.84 9.27
CA GLY A 23 7.44 -12.14 9.58
C GLY A 23 8.15 -13.28 8.88
N LEU A 24 9.39 -13.09 8.47
CA LEU A 24 10.11 -14.15 7.77
C LEU A 24 10.36 -15.33 8.69
N SER A 25 10.41 -16.52 8.10
CA SER A 25 11.06 -17.63 8.76
C SER A 25 12.54 -17.30 8.96
N PHE A 26 13.07 -17.69 10.11
CA PHE A 26 14.49 -17.47 10.36
C PHE A 26 15.36 -18.27 9.39
N GLU A 27 14.80 -19.27 8.70
CA GLU A 27 15.59 -20.01 7.73
C GLU A 27 15.61 -19.36 6.35
N THR A 28 14.83 -18.32 6.12
CA THR A 28 14.86 -17.64 4.82
C THR A 28 16.20 -16.94 4.63
N THR A 29 16.76 -17.07 3.43
CA THR A 29 18.04 -16.49 3.06
C THR A 29 17.84 -15.46 1.96
N ASP A 30 18.88 -14.66 1.68
CA ASP A 30 18.81 -13.74 0.55
C ASP A 30 18.38 -14.51 -0.69
N GLU A 31 18.94 -15.71 -0.86
CA GLU A 31 18.67 -16.48 -2.07
C GLU A 31 17.24 -17.00 -2.11
N SER A 32 16.72 -17.51 -1.00
CA SER A 32 15.36 -18.04 -1.04
C SER A 32 14.33 -16.92 -1.08
N LEU A 33 14.62 -15.77 -0.45
CA LEU A 33 13.72 -14.64 -0.57
C LEU A 33 13.66 -14.15 -2.01
N ARG A 34 14.82 -14.11 -2.67
CA ARG A 34 14.91 -13.67 -4.07
C ARG A 34 14.17 -14.64 -4.99
N SER A 35 14.42 -15.95 -4.84
CA SER A 35 13.75 -16.91 -5.72
C SER A 35 12.24 -16.79 -5.59
N HIS A 36 11.75 -16.53 -4.38
CA HIS A 36 10.31 -16.36 -4.21
C HIS A 36 9.82 -15.11 -4.94
N PHE A 37 10.38 -13.94 -4.60
CA PHE A 37 9.80 -12.69 -5.08
C PHE A 37 10.12 -12.38 -6.53
N GLU A 38 11.13 -13.04 -7.11
CA GLU A 38 11.37 -12.91 -8.54
C GLU A 38 10.23 -13.44 -9.39
N GLN A 39 9.29 -14.19 -8.81
CA GLN A 39 8.14 -14.61 -9.61
C GLN A 39 7.30 -13.42 -10.09
N TRP A 40 7.38 -12.26 -9.44
CA TRP A 40 6.54 -11.12 -9.79
C TRP A 40 7.28 -9.95 -10.40
N GLY A 41 8.58 -10.09 -10.65
CA GLY A 41 9.31 -9.03 -11.33
C GLY A 41 10.79 -9.16 -11.12
N THR A 42 11.52 -8.28 -11.80
CA THR A 42 12.97 -8.23 -11.70
C THR A 42 13.35 -7.58 -10.37
N LEU A 43 14.20 -8.25 -9.61
CA LEU A 43 14.66 -7.72 -8.32
C LEU A 43 16.05 -7.13 -8.47
N THR A 44 16.17 -5.83 -8.20
CA THR A 44 17.45 -5.16 -8.18
C THR A 44 18.17 -5.28 -6.84
N ASP A 45 17.48 -5.72 -5.79
CA ASP A 45 18.06 -5.88 -4.47
C ASP A 45 17.18 -6.85 -3.69
N CYS A 46 17.80 -7.59 -2.77
CA CYS A 46 17.04 -8.53 -1.93
C CYS A 46 17.92 -8.87 -0.75
N VAL A 47 17.47 -8.55 0.47
CA VAL A 47 18.31 -8.65 1.66
C VAL A 47 17.49 -9.23 2.80
N VAL A 48 18.02 -10.23 3.49
CA VAL A 48 17.51 -10.68 4.78
C VAL A 48 18.35 -10.01 5.86
N MET A 49 17.71 -9.33 6.81
CA MET A 49 18.44 -8.69 7.89
C MET A 49 18.88 -9.70 8.93
N ARG A 50 20.13 -9.59 9.36
CA ARG A 50 20.74 -10.55 10.26
C ARG A 50 21.47 -9.83 11.40
N ASP A 51 21.63 -10.56 12.49
CA ASP A 51 22.45 -10.05 13.58
C ASP A 51 23.90 -9.95 13.13
N PRO A 52 24.60 -8.85 13.48
CA PRO A 52 25.98 -8.70 13.01
C PRO A 52 26.97 -9.64 13.68
N ASN A 53 26.64 -10.20 14.84
CA ASN A 53 27.54 -11.09 15.54
C ASN A 53 27.19 -12.55 15.36
N THR A 54 25.93 -12.92 15.47
CA THR A 54 25.54 -14.32 15.40
C THR A 54 25.18 -14.77 14.00
N LYS A 55 24.91 -13.83 13.09
CA LYS A 55 24.38 -14.09 11.75
C LYS A 55 22.97 -14.66 11.77
N ARG A 56 22.33 -14.75 12.93
CA ARG A 56 20.96 -15.25 12.99
C ARG A 56 20.01 -14.23 12.38
N SER A 57 19.08 -14.72 11.58
CA SER A 57 18.08 -13.86 10.96
C SER A 57 17.34 -13.04 12.01
N ARG A 58 17.04 -11.80 11.65
CA ARG A 58 16.19 -10.93 12.44
C ARG A 58 14.72 -11.06 12.06
N GLY A 59 14.40 -11.95 11.12
CA GLY A 59 13.02 -12.23 10.79
C GLY A 59 12.36 -11.23 9.87
N PHE A 60 13.14 -10.40 9.23
CA PHE A 60 12.57 -9.45 8.24
C PHE A 60 13.65 -9.13 7.23
N GLY A 61 13.20 -8.52 6.15
CA GLY A 61 14.13 -8.15 5.10
C GLY A 61 13.41 -7.28 4.11
N PHE A 62 14.02 -7.06 2.96
N PHE A 62 14.02 -7.07 2.95
CA PHE A 62 13.40 -6.18 1.94
CA PHE A 62 13.40 -6.17 1.94
C PHE A 62 13.78 -6.64 0.55
C PHE A 62 13.78 -6.62 0.55
N VAL A 63 12.93 -6.30 -0.42
CA VAL A 63 13.24 -6.64 -1.83
C VAL A 63 13.01 -5.33 -2.59
N THR A 64 13.75 -5.14 -3.67
CA THR A 64 13.56 -3.95 -4.51
C THR A 64 13.28 -4.41 -5.92
N TYR A 65 12.14 -4.00 -6.46
CA TYR A 65 11.81 -4.33 -7.84
C TYR A 65 12.33 -3.27 -8.79
N ALA A 66 12.33 -3.61 -10.09
CA ALA A 66 12.76 -2.66 -11.10
C ALA A 66 11.73 -1.58 -11.35
N THR A 67 10.45 -1.86 -11.12
CA THR A 67 9.37 -0.92 -11.41
C THR A 67 8.28 -1.00 -10.35
N VAL A 68 7.52 0.09 -10.23
CA VAL A 68 6.39 0.12 -9.32
C VAL A 68 5.31 -0.89 -9.74
N GLU A 69 5.10 -1.06 -11.04
CA GLU A 69 4.14 -2.05 -11.51
C GLU A 69 4.47 -3.43 -10.95
N GLU A 70 5.75 -3.74 -10.81
CA GLU A 70 6.14 -5.04 -10.26
C GLU A 70 5.82 -5.12 -8.78
N VAL A 71 6.01 -4.02 -8.03
CA VAL A 71 5.58 -4.00 -6.63
C VAL A 71 4.09 -4.32 -6.55
N ASP A 72 3.29 -3.68 -7.41
CA ASP A 72 1.86 -3.96 -7.45
C ASP A 72 1.59 -5.43 -7.69
N ALA A 73 2.31 -6.05 -8.62
CA ALA A 73 2.08 -7.45 -8.92
C ALA A 73 2.38 -8.32 -7.71
N ALA A 74 3.47 -8.02 -7.01
CA ALA A 74 3.80 -8.78 -5.81
C ALA A 74 2.72 -8.60 -4.75
N MET A 75 2.27 -7.36 -4.51
CA MET A 75 1.21 -7.13 -3.52
C MET A 75 -0.09 -7.83 -3.92
N ASN A 76 -0.41 -7.84 -5.22
CA ASN A 76 -1.62 -8.51 -5.65
C ASN A 76 -1.54 -10.02 -5.53
N ALA A 77 -0.34 -10.58 -5.34
CA ALA A 77 -0.16 -12.01 -5.19
C ALA A 77 -0.15 -12.46 -3.73
N ARG A 78 -0.36 -11.54 -2.78
CA ARG A 78 -0.52 -11.95 -1.40
C ARG A 78 -1.75 -12.87 -1.28
N PRO A 79 -1.77 -13.76 -0.29
CA PRO A 79 -0.74 -13.97 0.73
C PRO A 79 0.46 -14.71 0.20
N HIS A 80 1.63 -14.29 0.68
CA HIS A 80 2.90 -14.91 0.33
C HIS A 80 3.36 -15.85 1.42
N LYS A 81 3.51 -17.12 1.07
CA LYS A 81 4.10 -18.13 1.93
C LYS A 81 5.52 -18.35 1.44
N VAL A 82 6.49 -17.93 2.25
CA VAL A 82 7.90 -17.95 1.87
C VAL A 82 8.58 -18.93 2.80
N ASP A 83 9.15 -19.99 2.24
CA ASP A 83 9.80 -21.02 3.05
C ASP A 83 8.88 -21.53 4.16
N GLY A 84 7.61 -21.69 3.83
CA GLY A 84 6.64 -22.33 4.71
C GLY A 84 5.92 -21.42 5.67
N ARG A 85 6.18 -20.12 5.65
CA ARG A 85 5.59 -19.18 6.59
C ARG A 85 4.96 -18.03 5.82
N VAL A 86 3.73 -17.65 6.20
CA VAL A 86 3.10 -16.49 5.58
C VAL A 86 3.76 -15.23 6.10
N VAL A 87 4.23 -14.39 5.18
CA VAL A 87 4.98 -13.20 5.55
C VAL A 87 4.11 -11.97 5.38
N GLU A 88 4.64 -10.80 5.75
CA GLU A 88 3.87 -9.56 5.72
C GLU A 88 4.61 -8.49 4.93
N PRO A 89 4.35 -8.38 3.63
CA PRO A 89 5.01 -7.34 2.82
C PRO A 89 4.26 -6.03 2.93
N LYS A 90 5.03 -4.96 2.97
CA LYS A 90 4.44 -3.61 3.02
C LYS A 90 5.36 -2.67 2.23
N ARG A 91 4.76 -1.73 1.53
CA ARG A 91 5.56 -0.71 0.84
C ARG A 91 6.33 0.11 1.90
N ALA A 92 7.46 0.64 1.49
CA ALA A 92 8.33 1.43 2.39
C ALA A 92 7.68 2.75 2.81
N VAL A 93 8.13 3.24 3.96
CA VAL A 93 7.59 4.51 4.55
C VAL A 93 7.63 5.70 3.57
N SER A 94 8.70 5.89 2.79
CA SER A 94 8.64 6.98 1.78
C SER A 94 7.90 8.20 2.34
N LEU A 105 1.28 5.15 9.89
CA LEU A 105 0.78 3.87 10.36
C LEU A 105 0.13 3.06 9.23
N THR A 106 -0.07 1.77 9.48
CA THR A 106 -0.74 0.88 8.53
C THR A 106 -2.23 0.95 8.79
N VAL A 107 -2.97 1.59 7.90
CA VAL A 107 -4.41 1.79 8.07
C VAL A 107 -5.12 1.47 6.77
N LYS A 108 -6.45 1.35 6.87
CA LYS A 108 -7.29 0.98 5.75
C LYS A 108 -8.24 2.10 5.31
N LYS A 109 -8.15 3.28 5.92
CA LYS A 109 -9.11 4.36 5.69
C LYS A 109 -8.38 5.63 5.29
N ILE A 110 -8.99 6.38 4.37
CA ILE A 110 -8.48 7.66 3.94
C ILE A 110 -9.52 8.75 4.14
N PHE A 111 -9.00 9.95 4.38
CA PHE A 111 -9.73 11.21 4.26
C PHE A 111 -9.53 11.74 2.84
N VAL A 112 -10.61 12.20 2.23
CA VAL A 112 -10.59 12.80 0.89
C VAL A 112 -11.22 14.18 1.02
N GLY A 113 -10.43 15.22 0.82
CA GLY A 113 -10.90 16.56 1.00
C GLY A 113 -10.92 17.34 -0.31
N GLY A 114 -11.72 18.40 -0.35
CA GLY A 114 -11.79 19.24 -1.52
C GLY A 114 -12.76 18.76 -2.59
N ILE A 115 -13.73 17.93 -2.24
CA ILE A 115 -14.66 17.38 -3.23
C ILE A 115 -15.88 18.27 -3.40
N LYS A 116 -16.02 19.32 -2.59
CA LYS A 116 -17.07 20.33 -2.75
C LYS A 116 -18.44 19.66 -2.56
N GLU A 117 -19.51 20.26 -3.12
CA GLU A 117 -20.87 19.80 -2.87
C GLU A 117 -21.46 18.95 -4.00
N ASP A 118 -20.78 18.82 -5.13
CA ASP A 118 -21.35 18.09 -6.26
C ASP A 118 -20.75 16.69 -6.46
N THR A 119 -19.76 16.31 -5.66
CA THR A 119 -19.16 14.98 -5.81
C THR A 119 -20.02 13.97 -5.08
N GLU A 120 -20.37 12.89 -5.77
CA GLU A 120 -21.27 11.87 -5.25
C GLU A 120 -20.52 10.57 -5.00
N GLU A 121 -21.22 9.62 -4.39
CA GLU A 121 -20.62 8.34 -4.03
C GLU A 121 -20.00 7.65 -5.24
N HIS A 122 -20.66 7.72 -6.39
CA HIS A 122 -20.18 6.97 -7.55
C HIS A 122 -18.88 7.56 -8.11
N HIS A 123 -18.70 8.89 -8.00
CA HIS A 123 -17.44 9.49 -8.42
C HIS A 123 -16.29 8.94 -7.58
N LEU A 124 -16.48 8.92 -6.26
CA LEU A 124 -15.46 8.39 -5.37
C LEU A 124 -15.24 6.91 -5.58
N ARG A 125 -16.34 6.16 -5.75
CA ARG A 125 -16.21 4.71 -5.93
C ARG A 125 -15.48 4.38 -7.24
N ASP A 126 -15.90 4.98 -8.35
CA ASP A 126 -15.33 4.62 -9.64
C ASP A 126 -13.83 4.87 -9.68
N TYR A 127 -13.36 5.90 -8.97
CA TYR A 127 -11.94 6.20 -8.93
C TYR A 127 -11.21 5.31 -7.94
N PHE A 128 -11.66 5.29 -6.68
CA PHE A 128 -10.89 4.61 -5.64
C PHE A 128 -10.98 3.10 -5.73
N GLU A 129 -12.01 2.55 -6.39
CA GLU A 129 -12.10 1.10 -6.51
C GLU A 129 -10.97 0.53 -7.36
N GLN A 130 -10.29 1.39 -8.12
CA GLN A 130 -9.13 0.97 -8.90
C GLN A 130 -7.86 0.89 -8.06
N TYR A 131 -7.89 1.35 -6.82
CA TYR A 131 -6.79 1.15 -5.89
C TYR A 131 -7.01 -0.05 -4.97
N GLY A 132 -8.25 -0.46 -4.77
CA GLY A 132 -8.50 -1.61 -3.94
C GLY A 132 -9.99 -1.76 -3.70
N LYS A 133 -10.34 -2.80 -2.96
CA LYS A 133 -11.73 -3.14 -2.71
C LYS A 133 -12.29 -2.23 -1.62
N ILE A 134 -13.35 -1.50 -1.94
CA ILE A 134 -13.94 -0.54 -1.01
C ILE A 134 -14.98 -1.23 -0.14
N GLU A 135 -14.90 -0.98 1.17
CA GLU A 135 -15.94 -1.44 2.10
C GLU A 135 -16.90 -0.33 2.52
N VAL A 136 -16.45 0.90 2.69
CA VAL A 136 -17.30 2.01 3.14
C VAL A 136 -16.92 3.28 2.40
N ILE A 137 -17.93 4.02 1.94
CA ILE A 137 -17.77 5.41 1.53
C ILE A 137 -18.69 6.26 2.39
N GLU A 138 -18.12 7.27 3.04
CA GLU A 138 -18.88 8.15 3.92
C GLU A 138 -18.66 9.59 3.44
N ILE A 139 -19.67 10.14 2.77
CA ILE A 139 -19.65 11.54 2.37
C ILE A 139 -20.16 12.38 3.52
N MET A 140 -19.37 13.35 3.97
CA MET A 140 -19.67 14.02 5.22
C MET A 140 -20.64 15.18 5.00
N THR A 141 -21.59 15.29 5.91
CA THR A 141 -22.60 16.33 5.85
C THR A 141 -22.67 17.08 7.17
N ASP A 142 -23.20 18.29 7.11
CA ASP A 142 -23.25 19.13 8.29
C ASP A 142 -24.29 18.60 9.27
N ARG A 143 -23.89 18.49 10.54
CA ARG A 143 -24.73 17.89 11.57
C ARG A 143 -26.01 18.67 11.77
N GLY A 144 -25.99 19.98 11.49
CA GLY A 144 -27.14 20.85 11.68
C GLY A 144 -28.00 21.02 10.45
N SER A 145 -27.39 21.26 9.28
CA SER A 145 -28.13 21.60 8.07
C SER A 145 -28.27 20.45 7.09
N GLY A 146 -27.44 19.42 7.19
CA GLY A 146 -27.43 18.36 6.21
C GLY A 146 -26.67 18.66 4.93
N LYS A 147 -26.13 19.86 4.78
CA LYS A 147 -25.39 20.18 3.56
C LYS A 147 -24.06 19.43 3.54
N LYS A 148 -23.61 19.12 2.32
CA LYS A 148 -22.31 18.48 2.17
C LYS A 148 -21.20 19.40 2.63
N ARG A 149 -20.23 18.82 3.35
CA ARG A 149 -19.13 19.61 3.89
C ARG A 149 -17.92 19.63 2.96
N GLY A 150 -17.92 18.85 1.88
CA GLY A 150 -16.81 18.85 0.97
C GLY A 150 -15.68 17.90 1.29
N PHE A 151 -15.95 16.86 2.10
CA PHE A 151 -14.95 15.83 2.33
C PHE A 151 -15.63 14.50 2.60
N ALA A 152 -14.83 13.43 2.53
CA ALA A 152 -15.36 12.08 2.63
C ALA A 152 -14.30 11.18 3.23
N PHE A 153 -14.76 10.01 3.70
CA PHE A 153 -13.86 8.95 4.12
C PHE A 153 -14.14 7.71 3.30
N VAL A 154 -13.08 7.01 2.90
CA VAL A 154 -13.19 5.77 2.17
C VAL A 154 -12.41 4.71 2.95
N THR A 155 -13.06 3.58 3.24
CA THR A 155 -12.44 2.46 3.92
C THR A 155 -12.29 1.31 2.94
N PHE A 156 -11.11 0.72 2.89
CA PHE A 156 -10.80 -0.40 2.02
C PHE A 156 -10.67 -1.68 2.81
N ASP A 157 -10.62 -2.81 2.10
CA ASP A 157 -10.45 -4.08 2.79
C ASP A 157 -9.01 -4.37 3.16
N ASP A 158 -8.06 -3.53 2.76
CA ASP A 158 -6.66 -3.86 2.94
C ASP A 158 -5.83 -2.58 2.87
N HIS A 159 -4.71 -2.57 3.58
CA HIS A 159 -3.89 -1.37 3.72
C HIS A 159 -3.13 -0.99 2.46
N ASP A 160 -2.87 -1.94 1.54
CA ASP A 160 -2.03 -1.58 0.41
C ASP A 160 -2.70 -0.57 -0.49
N SER A 161 -4.02 -0.62 -0.59
N SER A 161 -4.03 -0.62 -0.58
CA SER A 161 -4.76 0.41 -1.33
CA SER A 161 -4.76 0.40 -1.34
C SER A 161 -4.41 1.79 -0.83
C SER A 161 -4.45 1.80 -0.83
N VAL A 162 -4.48 1.98 0.49
CA VAL A 162 -4.15 3.27 1.09
C VAL A 162 -2.70 3.64 0.82
N ASP A 163 -1.80 2.67 0.93
CA ASP A 163 -0.38 2.96 0.73
C ASP A 163 -0.11 3.44 -0.69
N LYS A 164 -0.77 2.83 -1.68
CA LYS A 164 -0.63 3.32 -3.06
C LYS A 164 -1.20 4.72 -3.21
N ILE A 165 -2.32 4.98 -2.55
CA ILE A 165 -3.01 6.24 -2.75
C ILE A 165 -2.16 7.39 -2.23
N VAL A 166 -1.62 7.26 -1.01
CA VAL A 166 -0.99 8.41 -0.35
C VAL A 166 0.38 8.75 -0.91
N ILE A 167 1.00 7.88 -1.71
CA ILE A 167 2.27 8.22 -2.34
C ILE A 167 2.08 8.96 -3.66
N GLN A 168 0.86 9.03 -4.20
CA GLN A 168 0.61 9.81 -5.40
C GLN A 168 0.69 11.30 -5.09
N LYS A 169 1.32 12.06 -5.99
CA LYS A 169 1.36 13.51 -5.82
C LYS A 169 -0.02 14.15 -5.97
N TYR A 170 -0.87 13.59 -6.85
CA TYR A 170 -2.14 14.21 -7.21
C TYR A 170 -3.28 13.20 -7.19
N HIS A 171 -4.47 13.69 -6.84
CA HIS A 171 -5.71 12.93 -7.02
C HIS A 171 -6.77 13.83 -7.60
N THR A 172 -7.34 13.41 -8.72
CA THR A 172 -8.39 14.15 -9.42
C THR A 172 -9.64 13.28 -9.43
N VAL A 173 -10.71 13.78 -8.82
CA VAL A 173 -12.00 13.11 -8.76
C VAL A 173 -13.09 14.11 -9.12
N ASN A 174 -13.91 13.76 -10.10
CA ASN A 174 -14.99 14.65 -10.53
C ASN A 174 -14.44 16.03 -10.90
N GLY A 175 -13.29 16.04 -11.57
CA GLY A 175 -12.65 17.29 -11.98
C GLY A 175 -11.99 18.09 -10.87
N HIS A 176 -12.07 17.65 -9.61
CA HIS A 176 -11.50 18.38 -8.49
C HIS A 176 -10.13 17.81 -8.14
N ASN A 177 -9.17 18.69 -7.85
CA ASN A 177 -7.92 18.27 -7.23
C ASN A 177 -8.15 18.06 -5.73
N CYS A 178 -7.97 16.83 -5.27
CA CYS A 178 -8.33 16.46 -3.91
C CYS A 178 -7.11 16.32 -3.02
N GLU A 179 -7.31 16.55 -1.73
CA GLU A 179 -6.30 16.30 -0.70
C GLU A 179 -6.64 14.97 -0.05
N VAL A 180 -5.71 14.02 -0.08
CA VAL A 180 -5.96 12.68 0.43
C VAL A 180 -4.90 12.36 1.47
N ARG A 181 -5.34 11.83 2.61
CA ARG A 181 -4.41 11.48 3.68
C ARG A 181 -4.94 10.24 4.39
N LYS A 182 -4.05 9.55 5.08
CA LYS A 182 -4.48 8.44 5.93
C LYS A 182 -5.41 8.97 7.03
N ALA A 183 -6.44 8.19 7.37
CA ALA A 183 -7.37 8.55 8.44
C ALA A 183 -7.26 7.55 9.58
N LEU A 184 -7.06 8.06 10.79
CA LEU A 184 -6.93 7.26 12.03
C LEU A 184 -6.23 5.90 11.87
#